data_6QBK
#
_entry.id   6QBK
#
_entity_poly.entity_id   1
_entity_poly.type   'polypeptide(L)'
_entity_poly.pdbx_seq_one_letter_code
;SYQRIRSDHDSHSCANNRGWCRPTCFSHEYTDWFNNDVCGSYRCCRPGR(AAR)
;
_entity_poly.pdbx_strand_id   A
#
# COMPACT_ATOMS: atom_id res chain seq x y z
N SER A 1 10.68 -4.30 0.68
CA SER A 1 10.23 -3.25 -0.26
C SER A 1 9.84 -3.86 -1.60
N TYR A 2 8.54 -4.17 -1.75
CA TYR A 2 8.01 -4.73 -3.00
C TYR A 2 8.41 -3.89 -4.20
N GLN A 3 8.50 -2.58 -4.00
CA GLN A 3 8.96 -1.69 -5.06
C GLN A 3 9.64 -0.47 -4.43
N ARG A 4 10.92 -0.66 -4.07
CA ARG A 4 11.78 0.33 -3.42
C ARG A 4 11.12 1.08 -2.26
N ILE A 5 11.85 2.03 -1.70
CA ILE A 5 11.42 2.81 -0.55
C ILE A 5 11.42 4.30 -0.89
N ARG A 6 10.27 4.95 -0.72
CA ARG A 6 10.15 6.36 -1.05
C ARG A 6 9.57 7.20 0.09
N SER A 7 8.24 7.23 0.20
CA SER A 7 7.56 8.13 1.14
C SER A 7 7.92 7.81 2.59
N ASP A 8 8.18 6.55 2.86
CA ASP A 8 8.55 6.10 4.19
C ASP A 8 9.27 4.77 4.05
N HIS A 9 9.68 4.17 5.15
CA HIS A 9 10.37 2.90 5.09
C HIS A 9 9.45 1.82 4.51
N ASP A 10 8.20 1.86 4.93
CA ASP A 10 7.23 0.85 4.51
C ASP A 10 6.33 1.38 3.40
N SER A 11 6.50 2.65 3.05
CA SER A 11 5.62 3.27 2.07
C SER A 11 6.12 2.99 0.65
N HIS A 12 5.41 2.11 -0.03
CA HIS A 12 5.72 1.76 -1.40
C HIS A 12 4.47 1.29 -2.12
N SER A 13 4.59 1.08 -3.41
CA SER A 13 3.51 0.56 -4.21
C SER A 13 3.39 -0.95 -4.03
N CYS A 14 2.18 -1.45 -4.18
CA CYS A 14 1.92 -2.88 -4.13
C CYS A 14 0.82 -3.23 -5.12
N ALA A 15 0.58 -4.52 -5.30
CA ALA A 15 -0.48 -5.01 -6.17
C ALA A 15 -0.38 -4.46 -7.59
N ASN A 16 0.84 -4.13 -8.02
CA ASN A 16 1.08 -3.58 -9.36
C ASN A 16 0.30 -2.29 -9.56
N ASN A 17 0.74 -1.24 -8.85
CA ASN A 17 0.09 0.08 -8.88
C ASN A 17 -1.19 0.08 -8.05
N ARG A 18 -1.90 -1.03 -8.05
CA ARG A 18 -3.22 -1.12 -7.48
C ARG A 18 -3.20 -1.08 -5.96
N GLY A 19 -2.08 -0.68 -5.40
CA GLY A 19 -1.91 -0.65 -3.96
C GLY A 19 -0.81 0.32 -3.55
N TRP A 20 -1.00 1.03 -2.44
CA TRP A 20 0.05 1.84 -1.86
C TRP A 20 0.09 1.68 -0.35
N CYS A 21 1.27 1.46 0.19
CA CYS A 21 1.43 1.24 1.61
C CYS A 21 1.34 2.55 2.38
N ARG A 22 0.28 2.68 3.15
CA ARG A 22 0.07 3.85 3.99
C ARG A 22 -0.28 3.39 5.40
N PRO A 23 -0.06 4.25 6.41
CA PRO A 23 -0.42 3.93 7.80
C PRO A 23 -1.92 4.07 8.03
N THR A 24 -2.60 4.73 7.10
CA THR A 24 -4.04 4.88 7.14
C THR A 24 -4.56 5.21 5.75
N CYS A 25 -5.66 4.57 5.38
CA CYS A 25 -6.20 4.64 4.03
C CYS A 25 -7.22 5.77 3.91
N PHE A 26 -7.27 6.39 2.74
CA PHE A 26 -8.25 7.45 2.48
C PHE A 26 -9.61 6.86 2.17
N SER A 27 -10.62 7.69 2.05
CA SER A 27 -11.96 7.22 1.76
C SER A 27 -12.02 6.57 0.39
N HIS A 28 -11.27 7.12 -0.56
CA HIS A 28 -11.28 6.61 -1.91
C HIS A 28 -10.37 5.41 -2.07
N GLU A 29 -9.90 4.86 -0.97
CA GLU A 29 -9.05 3.68 -0.98
C GLU A 29 -9.62 2.59 -0.08
N TYR A 30 -8.92 1.48 0.02
CA TYR A 30 -9.30 0.40 0.91
C TYR A 30 -8.07 -0.38 1.34
N THR A 31 -8.19 -1.10 2.45
CA THR A 31 -7.06 -1.85 3.00
C THR A 31 -6.98 -3.24 2.38
N ASP A 32 -5.92 -3.47 1.62
CA ASP A 32 -5.62 -4.78 1.06
C ASP A 32 -4.70 -5.52 1.99
N TRP A 33 -5.19 -6.60 2.58
CA TRP A 33 -4.46 -7.32 3.59
C TRP A 33 -3.43 -8.26 2.99
N PHE A 34 -3.63 -8.59 1.73
CA PHE A 34 -2.66 -9.39 0.99
C PHE A 34 -1.35 -8.62 0.86
N ASN A 35 -1.46 -7.46 0.27
CA ASN A 35 -0.31 -6.61 0.07
C ASN A 35 0.05 -5.90 1.36
N ASN A 36 -0.79 -6.03 2.40
CA ASN A 36 -0.40 -5.55 3.72
C ASN A 36 0.89 -6.23 4.13
N ASP A 37 0.97 -7.52 3.81
CA ASP A 37 2.14 -8.33 4.11
C ASP A 37 3.36 -7.82 3.36
N VAL A 38 3.18 -7.45 2.10
CA VAL A 38 4.30 -6.91 1.31
C VAL A 38 4.67 -5.50 1.78
N CYS A 39 3.71 -4.84 2.40
CA CYS A 39 3.89 -3.48 2.90
C CYS A 39 4.72 -3.46 4.19
N GLY A 40 4.62 -4.51 4.98
CA GLY A 40 5.36 -4.55 6.23
C GLY A 40 4.57 -3.98 7.38
N SER A 41 5.00 -2.83 7.86
CA SER A 41 4.37 -2.21 9.02
C SER A 41 3.21 -1.30 8.58
N TYR A 42 3.08 -1.14 7.27
CA TYR A 42 1.98 -0.37 6.71
C TYR A 42 0.91 -1.30 6.16
N ARG A 43 -0.12 -0.69 5.62
CA ARG A 43 -1.23 -1.43 5.05
C ARG A 43 -1.43 -0.97 3.61
N CYS A 44 -1.83 -1.89 2.73
CA CYS A 44 -1.94 -1.57 1.33
C CYS A 44 -3.22 -0.84 1.05
N CYS A 45 -3.13 0.47 1.00
CA CYS A 45 -4.25 1.32 0.68
C CYS A 45 -4.45 1.34 -0.83
N ARG A 46 -5.25 0.41 -1.30
CA ARG A 46 -5.53 0.29 -2.71
C ARG A 46 -6.58 1.30 -3.13
N PRO A 47 -6.32 2.02 -4.22
CA PRO A 47 -7.33 2.90 -4.82
C PRO A 47 -8.63 2.14 -5.03
N GLY A 48 -9.74 2.69 -4.56
CA GLY A 48 -11.03 2.01 -4.68
C GLY A 48 -11.46 1.75 -6.12
N ARG A 49 -10.63 2.16 -7.06
CA ARG A 49 -10.87 1.91 -8.47
C ARG A 49 -9.58 1.45 -9.17
N AAR A 50 -8.73 0.78 -8.39
CA AAR A 50 -7.42 0.31 -8.84
CB AAR A 50 -6.77 -0.60 -7.81
CG AAR A 50 -7.72 -1.41 -6.91
CD AAR A 50 -8.47 -2.51 -7.64
NE AAR A 50 -9.25 -3.34 -6.73
CZ AAR A 50 -10.26 -4.11 -7.09
NH1 AAR A 50 -10.93 -4.81 -6.18
NH2 AAR A 50 -10.63 -4.19 -8.37
C AAR A 50 -7.48 -0.39 -10.21
O AAR A 50 -7.91 -1.53 -10.32
NT AAR A 50 -7.05 0.32 -11.25
H AAR A 50 -8.96 0.62 -7.45
HA AAR A 50 -6.80 1.18 -8.95
HB2 AAR A 50 -6.13 -1.31 -8.32
HB3 AAR A 50 -6.14 0.00 -7.17
HG2 AAR A 50 -7.14 -1.86 -6.12
HG3 AAR A 50 -8.43 -0.73 -6.48
HD2 AAR A 50 -9.14 -2.06 -8.36
HD3 AAR A 50 -7.76 -3.13 -8.16
HE AAR A 50 -8.98 -3.31 -5.76
HH11 AAR A 50 -10.67 -4.77 -5.21
HH12 AAR A 50 -11.70 -5.41 -6.46
HH21 AAR A 50 -10.13 -3.66 -9.07
HH22 AAR A 50 -11.39 -4.77 -8.64
HNT1 AAR A 50 -6.72 1.25 -11.11
HNT2 AAR A 50 -7.07 -0.09 -12.16
N SER A 1 10.21 -4.65 0.48
CA SER A 1 10.13 -3.66 -0.61
C SER A 1 9.63 -4.30 -1.91
N TYR A 2 8.31 -4.49 -2.00
CA TYR A 2 7.68 -4.95 -3.24
C TYR A 2 8.16 -4.09 -4.41
N GLN A 3 8.14 -2.79 -4.18
CA GLN A 3 8.76 -1.83 -5.06
C GLN A 3 9.66 -1.00 -4.17
N ARG A 4 10.49 -0.13 -4.73
CA ARG A 4 11.40 0.68 -3.92
C ARG A 4 10.70 1.43 -2.80
N ILE A 5 11.47 1.86 -1.82
CA ILE A 5 10.95 2.51 -0.62
C ILE A 5 11.02 4.03 -0.76
N ARG A 6 9.89 4.70 -0.61
CA ARG A 6 9.80 6.12 -0.92
C ARG A 6 9.65 7.00 0.33
N SER A 7 8.41 7.19 0.77
CA SER A 7 8.08 8.23 1.74
C SER A 7 8.49 7.85 3.17
N ASP A 8 8.47 6.57 3.49
CA ASP A 8 8.73 6.13 4.85
C ASP A 8 9.31 4.74 4.86
N HIS A 9 9.38 4.13 6.04
CA HIS A 9 10.04 2.86 6.24
C HIS A 9 9.53 1.79 5.27
N ASP A 10 8.22 1.79 5.05
CA ASP A 10 7.61 0.77 4.21
C ASP A 10 6.68 1.38 3.18
N SER A 11 6.76 2.69 3.00
CA SER A 11 5.83 3.38 2.11
C SER A 11 6.23 3.14 0.66
N HIS A 12 5.54 2.21 0.03
CA HIS A 12 5.75 1.89 -1.38
C HIS A 12 4.47 1.46 -2.04
N SER A 13 4.54 1.29 -3.35
CA SER A 13 3.42 0.77 -4.10
C SER A 13 3.35 -0.75 -3.97
N CYS A 14 2.16 -1.29 -4.05
CA CYS A 14 1.95 -2.72 -4.03
C CYS A 14 0.88 -3.09 -5.05
N ALA A 15 0.69 -4.38 -5.26
CA ALA A 15 -0.33 -4.88 -6.20
C ALA A 15 -0.16 -4.27 -7.59
N ASN A 16 1.07 -3.96 -7.97
CA ASN A 16 1.37 -3.36 -9.27
C ASN A 16 0.67 -2.02 -9.42
N ASN A 17 1.02 -1.08 -8.55
CA ASN A 17 0.42 0.27 -8.52
C ASN A 17 -0.90 0.27 -7.76
N ARG A 18 -1.63 -0.84 -7.85
CA ARG A 18 -3.00 -0.92 -7.34
C ARG A 18 -3.03 -1.02 -5.83
N GLY A 19 -2.01 -0.48 -5.19
CA GLY A 19 -1.89 -0.49 -3.75
C GLY A 19 -0.81 0.46 -3.28
N TRP A 20 -1.03 1.11 -2.13
CA TRP A 20 0.04 1.88 -1.51
C TRP A 20 0.13 1.57 -0.03
N CYS A 21 1.35 1.46 0.45
CA CYS A 21 1.60 1.21 1.85
C CYS A 21 1.45 2.49 2.66
N ARG A 22 0.27 2.68 3.22
CA ARG A 22 -0.05 3.86 4.01
C ARG A 22 -0.42 3.45 5.42
N PRO A 23 -0.28 4.37 6.39
CA PRO A 23 -0.71 4.12 7.77
C PRO A 23 -2.22 4.30 7.91
N THR A 24 -2.82 4.96 6.94
CA THR A 24 -4.24 5.20 6.92
C THR A 24 -4.70 5.39 5.47
N CYS A 25 -5.79 4.73 5.13
CA CYS A 25 -6.32 4.80 3.77
C CYS A 25 -7.17 6.04 3.58
N PHE A 26 -7.02 6.66 2.42
CA PHE A 26 -7.76 7.88 2.11
C PHE A 26 -9.17 7.53 1.65
N SER A 27 -9.99 8.56 1.44
CA SER A 27 -11.40 8.39 1.10
C SER A 27 -11.58 8.00 -0.38
N HIS A 28 -10.69 7.15 -0.86
CA HIS A 28 -10.79 6.61 -2.22
C HIS A 28 -9.99 5.31 -2.30
N GLU A 29 -9.83 4.65 -1.17
CA GLU A 29 -8.98 3.48 -1.07
C GLU A 29 -9.55 2.47 -0.09
N TYR A 30 -8.89 1.33 0.03
CA TYR A 30 -9.30 0.29 0.96
C TYR A 30 -8.09 -0.50 1.44
N THR A 31 -8.23 -1.16 2.58
CA THR A 31 -7.13 -1.93 3.14
C THR A 31 -7.04 -3.32 2.53
N ASP A 32 -6.00 -3.53 1.75
CA ASP A 32 -5.69 -4.85 1.21
C ASP A 32 -4.74 -5.54 2.16
N TRP A 33 -5.12 -6.71 2.63
CA TRP A 33 -4.35 -7.44 3.62
C TRP A 33 -3.33 -8.36 2.97
N PHE A 34 -3.54 -8.63 1.71
CA PHE A 34 -2.60 -9.39 0.91
C PHE A 34 -1.32 -8.60 0.77
N ASN A 35 -1.46 -7.45 0.15
CA ASN A 35 -0.34 -6.58 -0.06
C ASN A 35 0.02 -5.84 1.22
N ASN A 36 -0.80 -6.02 2.25
CA ASN A 36 -0.47 -5.51 3.58
C ASN A 36 0.76 -6.24 4.09
N ASP A 37 0.89 -7.50 3.69
CA ASP A 37 2.04 -8.29 4.07
C ASP A 37 3.30 -7.74 3.39
N VAL A 38 3.19 -7.39 2.11
CA VAL A 38 4.33 -6.80 1.39
C VAL A 38 4.65 -5.41 1.90
N CYS A 39 3.64 -4.77 2.46
CA CYS A 39 3.75 -3.41 2.95
C CYS A 39 4.42 -3.32 4.33
N GLY A 40 4.88 -4.45 4.85
CA GLY A 40 5.60 -4.44 6.11
C GLY A 40 4.79 -3.89 7.25
N SER A 41 5.18 -2.71 7.72
CA SER A 41 4.53 -2.08 8.87
C SER A 41 3.34 -1.22 8.43
N TYR A 42 3.15 -1.11 7.12
CA TYR A 42 2.03 -0.38 6.57
C TYR A 42 0.98 -1.31 6.04
N ARG A 43 -0.16 -0.73 5.67
CA ARG A 43 -1.26 -1.48 5.11
C ARG A 43 -1.48 -1.04 3.68
N CYS A 44 -1.83 -1.96 2.80
CA CYS A 44 -1.97 -1.63 1.39
C CYS A 44 -3.30 -0.93 1.13
N CYS A 45 -3.23 0.38 1.07
CA CYS A 45 -4.38 1.19 0.75
C CYS A 45 -4.55 1.24 -0.76
N ARG A 46 -5.30 0.28 -1.27
CA ARG A 46 -5.55 0.17 -2.70
C ARG A 46 -6.62 1.14 -3.11
N PRO A 47 -6.40 1.89 -4.19
CA PRO A 47 -7.42 2.73 -4.79
C PRO A 47 -8.72 1.96 -4.96
N GLY A 48 -9.83 2.54 -4.52
CA GLY A 48 -11.10 1.82 -4.50
C GLY A 48 -11.70 1.55 -5.86
N ARG A 49 -10.84 1.37 -6.85
CA ARG A 49 -11.24 0.91 -8.17
C ARG A 49 -10.13 0.06 -8.78
N AAR A 50 -8.88 0.48 -8.56
CA AAR A 50 -7.67 -0.21 -9.03
CB AAR A 50 -7.02 -1.07 -7.93
CG AAR A 50 -7.97 -1.73 -6.93
CD AAR A 50 -8.70 -2.93 -7.50
NE AAR A 50 -9.42 -3.66 -6.46
CZ AAR A 50 -10.56 -4.32 -6.64
NH1 AAR A 50 -11.14 -4.94 -5.61
NH2 AAR A 50 -11.12 -4.36 -7.84
C AAR A 50 -7.89 -1.01 -10.33
O AAR A 50 -8.01 -2.23 -10.31
NT AAR A 50 -7.90 -0.30 -11.45
H AAR A 50 -8.75 1.31 -8.06
HA AAR A 50 -6.98 0.58 -9.27
HB2 AAR A 50 -6.45 -1.85 -8.40
HB3 AAR A 50 -6.34 -0.44 -7.38
HG2 AAR A 50 -7.40 -2.06 -6.08
HG3 AAR A 50 -8.70 -1.00 -6.62
HD2 AAR A 50 -9.42 -2.59 -8.24
HD3 AAR A 50 -7.99 -3.59 -7.97
HE AAR A 50 -9.01 -3.64 -5.55
HH11 AAR A 50 -10.72 -4.91 -4.70
HH12 AAR A 50 -12.00 -5.43 -5.75
HH21 AAR A 50 -10.68 -3.91 -8.61
HH22 AAR A 50 -11.98 -4.86 -7.97
HNT1 AAR A 50 -7.79 0.69 -11.41
HNT2 AAR A 50 -8.02 -0.78 -12.32
N SER A 1 9.66 -4.01 -0.18
CA SER A 1 9.41 -3.04 -1.27
C SER A 1 8.99 -3.75 -2.54
N TYR A 2 7.68 -3.92 -2.72
CA TYR A 2 7.13 -4.53 -3.92
C TYR A 2 7.53 -3.72 -5.16
N GLN A 3 7.70 -2.41 -4.97
CA GLN A 3 8.24 -1.56 -6.02
C GLN A 3 9.14 -0.50 -5.38
N ARG A 4 10.27 -0.97 -4.86
CA ARG A 4 11.29 -0.18 -4.17
C ARG A 4 10.73 0.82 -3.15
N ILE A 5 11.61 1.63 -2.60
CA ILE A 5 11.26 2.57 -1.54
C ILE A 5 11.02 3.96 -2.12
N ARG A 6 9.87 4.54 -1.80
CA ARG A 6 9.55 5.87 -2.28
C ARG A 6 9.40 6.86 -1.14
N SER A 7 8.27 6.81 -0.45
CA SER A 7 7.98 7.79 0.58
C SER A 7 8.68 7.44 1.88
N ASP A 8 8.63 6.16 2.23
CA ASP A 8 9.29 5.66 3.44
C ASP A 8 9.76 4.25 3.17
N HIS A 9 10.49 3.67 4.11
CA HIS A 9 10.99 2.31 3.97
C HIS A 9 9.86 1.34 3.62
N ASP A 10 8.76 1.46 4.35
CA ASP A 10 7.62 0.57 4.15
C ASP A 10 6.65 1.19 3.15
N SER A 11 6.76 2.49 2.92
CA SER A 11 5.79 3.18 2.08
C SER A 11 6.15 3.03 0.61
N HIS A 12 5.52 2.07 -0.03
CA HIS A 12 5.72 1.80 -1.44
C HIS A 12 4.41 1.40 -2.09
N SER A 13 4.45 1.19 -3.38
CA SER A 13 3.29 0.68 -4.09
C SER A 13 3.26 -0.84 -4.03
N CYS A 14 2.06 -1.39 -4.12
CA CYS A 14 1.86 -2.82 -4.11
C CYS A 14 0.81 -3.19 -5.14
N ALA A 15 0.60 -4.49 -5.33
CA ALA A 15 -0.42 -4.98 -6.27
C ALA A 15 -0.24 -4.38 -7.66
N ASN A 16 0.99 -4.03 -8.02
CA ASN A 16 1.30 -3.44 -9.33
C ASN A 16 0.57 -2.12 -9.52
N ASN A 17 0.90 -1.16 -8.66
CA ASN A 17 0.29 0.18 -8.65
C ASN A 17 -1.02 0.19 -7.87
N ARG A 18 -1.73 -0.95 -7.88
CA ARG A 18 -3.08 -1.02 -7.35
C ARG A 18 -3.06 -1.11 -5.83
N GLY A 19 -2.06 -0.51 -5.22
CA GLY A 19 -1.91 -0.54 -3.78
C GLY A 19 -0.83 0.43 -3.31
N TRP A 20 -1.07 1.13 -2.20
CA TRP A 20 -0.01 1.91 -1.57
C TRP A 20 0.09 1.59 -0.10
N CYS A 21 1.30 1.51 0.38
CA CYS A 21 1.57 1.25 1.79
C CYS A 21 1.45 2.54 2.60
N ARG A 22 0.26 2.75 3.16
CA ARG A 22 -0.01 3.92 3.97
C ARG A 22 -0.38 3.47 5.38
N PRO A 23 -0.23 4.35 6.37
CA PRO A 23 -0.64 4.07 7.75
C PRO A 23 -2.15 4.11 7.89
N THR A 24 -2.79 4.79 6.95
CA THR A 24 -4.22 4.92 6.93
C THR A 24 -4.70 5.18 5.50
N CYS A 25 -5.82 4.57 5.15
CA CYS A 25 -6.36 4.67 3.80
C CYS A 25 -7.25 5.90 3.67
N PHE A 26 -7.08 6.62 2.57
CA PHE A 26 -7.83 7.84 2.31
C PHE A 26 -9.22 7.51 1.77
N SER A 27 -10.03 8.55 1.58
CA SER A 27 -11.42 8.39 1.15
C SER A 27 -11.52 8.04 -0.33
N HIS A 28 -10.64 7.16 -0.78
CA HIS A 28 -10.65 6.68 -2.16
C HIS A 28 -9.82 5.40 -2.23
N GLU A 29 -9.74 4.71 -1.11
CA GLU A 29 -8.91 3.52 -0.98
C GLU A 29 -9.55 2.52 -0.03
N TYR A 30 -8.87 1.41 0.16
CA TYR A 30 -9.30 0.38 1.10
C TYR A 30 -8.09 -0.44 1.54
N THR A 31 -8.24 -1.16 2.64
CA THR A 31 -7.14 -1.93 3.20
C THR A 31 -7.07 -3.33 2.59
N ASP A 32 -6.08 -3.53 1.72
CA ASP A 32 -5.78 -4.85 1.20
C ASP A 32 -4.84 -5.55 2.16
N TRP A 33 -5.23 -6.73 2.63
CA TRP A 33 -4.47 -7.45 3.62
C TRP A 33 -3.44 -8.37 2.97
N PHE A 34 -3.65 -8.64 1.69
CA PHE A 34 -2.69 -9.42 0.91
C PHE A 34 -1.38 -8.65 0.78
N ASN A 35 -1.47 -7.50 0.15
CA ASN A 35 -0.33 -6.64 -0.03
C ASN A 35 -0.02 -5.87 1.24
N ASN A 36 -0.84 -6.05 2.25
CA ASN A 36 -0.52 -5.51 3.57
C ASN A 36 0.72 -6.20 4.08
N ASP A 37 0.85 -7.48 3.73
CA ASP A 37 2.02 -8.25 4.07
C ASP A 37 3.25 -7.67 3.37
N VAL A 38 3.12 -7.37 2.08
CA VAL A 38 4.25 -6.81 1.33
C VAL A 38 4.60 -5.42 1.86
N CYS A 39 3.60 -4.75 2.39
CA CYS A 39 3.75 -3.40 2.92
C CYS A 39 4.44 -3.37 4.28
N GLY A 40 4.62 -4.54 4.89
CA GLY A 40 5.32 -4.61 6.17
C GLY A 40 4.57 -3.96 7.30
N SER A 41 5.04 -2.80 7.72
CA SER A 41 4.46 -2.09 8.85
C SER A 41 3.28 -1.24 8.41
N TYR A 42 3.12 -1.10 7.10
CA TYR A 42 1.99 -0.36 6.54
C TYR A 42 0.94 -1.32 6.02
N ARG A 43 -0.17 -0.74 5.59
CA ARG A 43 -1.26 -1.52 5.04
C ARG A 43 -1.49 -1.08 3.60
N CYS A 44 -1.86 -2.02 2.74
CA CYS A 44 -2.01 -1.71 1.33
C CYS A 44 -3.31 -0.99 1.08
N CYS A 45 -3.24 0.32 1.07
CA CYS A 45 -4.37 1.14 0.73
C CYS A 45 -4.53 1.17 -0.78
N ARG A 46 -5.27 0.20 -1.28
CA ARG A 46 -5.54 0.11 -2.71
C ARG A 46 -6.58 1.14 -3.10
N PRO A 47 -6.31 1.89 -4.17
CA PRO A 47 -7.28 2.84 -4.70
C PRO A 47 -8.59 2.13 -5.00
N GLY A 48 -9.70 2.70 -4.54
CA GLY A 48 -11.00 2.05 -4.68
C GLY A 48 -11.53 2.05 -6.10
N ARG A 49 -10.64 1.80 -7.04
CA ARG A 49 -10.99 1.63 -8.44
C ARG A 49 -9.87 0.91 -9.17
N AAR A 50 -8.69 0.93 -8.55
CA AAR A 50 -7.46 0.43 -9.13
CB AAR A 50 -7.31 -1.09 -8.92
CG AAR A 50 -8.29 -1.70 -7.91
CD AAR A 50 -8.15 -3.22 -7.89
NE AAR A 50 -8.85 -3.82 -6.75
CZ AAR A 50 -9.31 -5.07 -6.72
NH1 AAR A 50 -9.91 -5.52 -5.63
NH2 AAR A 50 -9.17 -5.86 -7.78
C AAR A 50 -7.32 0.80 -10.61
O AAR A 50 -6.89 1.91 -10.92
NT AAR A 50 -7.68 -0.10 -11.51
H AAR A 50 -8.64 1.28 -7.64
HA AAR A 50 -6.65 0.91 -8.60
HB2 AAR A 50 -7.42 -1.59 -9.86
HB3 AAR A 50 -6.31 -1.27 -8.55
HG2 AAR A 50 -8.08 -1.30 -6.93
HG3 AAR A 50 -9.29 -1.44 -8.21
HD2 AAR A 50 -8.57 -3.62 -8.79
HD3 AAR A 50 -7.10 -3.47 -7.84
HE AAR A 50 -8.95 -3.27 -5.94
HH11 AAR A 50 -10.00 -4.93 -4.83
HH12 AAR A 50 -10.27 -6.46 -5.61
HH21 AAR A 50 -8.70 -5.53 -8.60
HH22 AAR A 50 -9.53 -6.79 -7.77
HNT1 AAR A 50 -8.02 -1.00 -11.21
HNT2 AAR A 50 -7.59 0.12 -12.48
N SER A 1 10.09 -3.67 0.83
CA SER A 1 10.28 -2.78 -0.34
C SER A 1 9.96 -3.50 -1.64
N TYR A 2 8.71 -3.94 -1.80
CA TYR A 2 8.26 -4.60 -3.02
C TYR A 2 8.49 -3.71 -4.24
N GLN A 3 8.21 -2.43 -4.08
CA GLN A 3 8.45 -1.47 -5.16
C GLN A 3 9.23 -0.29 -4.60
N ARG A 4 10.50 -0.55 -4.26
CA ARG A 4 11.45 0.44 -3.73
C ARG A 4 10.96 1.10 -2.44
N ILE A 5 11.77 2.04 -1.96
CA ILE A 5 11.43 2.86 -0.81
C ILE A 5 11.14 4.26 -1.32
N ARG A 6 9.85 4.59 -1.37
CA ARG A 6 9.41 5.80 -1.99
C ARG A 6 9.53 6.98 -1.03
N SER A 7 8.70 6.98 0.00
CA SER A 7 8.67 8.07 0.97
C SER A 7 9.18 7.59 2.32
N ASP A 8 8.40 6.70 2.93
CA ASP A 8 8.83 6.03 4.15
C ASP A 8 9.47 4.71 3.75
N HIS A 9 9.98 3.96 4.71
CA HIS A 9 10.56 2.66 4.41
C HIS A 9 9.46 1.72 3.93
N ASP A 10 8.33 1.76 4.60
CA ASP A 10 7.21 0.87 4.29
C ASP A 10 6.35 1.44 3.19
N SER A 11 6.46 2.75 2.97
CA SER A 11 5.58 3.43 2.01
C SER A 11 6.03 3.14 0.59
N HIS A 12 5.33 2.21 -0.06
CA HIS A 12 5.60 1.87 -1.45
C HIS A 12 4.33 1.37 -2.10
N SER A 13 4.38 1.21 -3.40
CA SER A 13 3.26 0.65 -4.14
C SER A 13 3.24 -0.86 -4.01
N CYS A 14 2.06 -1.42 -4.07
CA CYS A 14 1.88 -2.85 -4.05
C CYS A 14 0.81 -3.23 -5.06
N ALA A 15 0.61 -4.52 -5.25
CA ALA A 15 -0.37 -5.03 -6.21
C ALA A 15 -0.21 -4.40 -7.60
N ASN A 16 1.02 -4.02 -7.94
CA ASN A 16 1.32 -3.39 -9.23
C ASN A 16 0.59 -2.06 -9.37
N ASN A 17 0.99 -1.08 -8.56
CA ASN A 17 0.35 0.24 -8.51
C ASN A 17 -0.98 0.19 -7.75
N ARG A 18 -1.66 -0.94 -7.86
CA ARG A 18 -3.02 -1.10 -7.38
C ARG A 18 -3.07 -1.18 -5.86
N GLY A 19 -2.05 -0.64 -5.22
CA GLY A 19 -1.93 -0.67 -3.78
C GLY A 19 -0.87 0.31 -3.32
N TRP A 20 -1.10 0.99 -2.20
CA TRP A 20 -0.06 1.82 -1.61
C TRP A 20 0.02 1.56 -0.13
N CYS A 21 1.22 1.31 0.35
CA CYS A 21 1.47 1.09 1.75
C CYS A 21 1.39 2.40 2.52
N ARG A 22 0.30 2.57 3.23
CA ARG A 22 0.08 3.76 4.02
C ARG A 22 -0.24 3.36 5.46
N PRO A 23 0.01 4.26 6.42
CA PRO A 23 -0.39 4.03 7.81
C PRO A 23 -1.87 4.33 8.01
N THR A 24 -2.46 4.96 7.01
CA THR A 24 -3.87 5.27 7.00
C THR A 24 -4.36 5.42 5.56
N CYS A 25 -5.52 4.85 5.28
CA CYS A 25 -6.06 4.84 3.91
C CYS A 25 -6.83 6.11 3.60
N PHE A 26 -6.68 6.58 2.38
CA PHE A 26 -7.32 7.81 1.93
C PHE A 26 -8.79 7.59 1.64
N SER A 27 -9.53 8.68 1.43
CA SER A 27 -10.97 8.64 1.23
C SER A 27 -11.31 8.20 -0.20
N HIS A 28 -10.52 7.28 -0.73
CA HIS A 28 -10.74 6.72 -2.06
C HIS A 28 -9.92 5.45 -2.23
N GLU A 29 -9.64 4.80 -1.10
CA GLU A 29 -8.80 3.62 -1.08
C GLU A 29 -9.31 2.63 -0.03
N TYR A 30 -8.81 1.41 -0.08
CA TYR A 30 -9.21 0.39 0.88
C TYR A 30 -8.00 -0.44 1.32
N THR A 31 -8.07 -1.03 2.50
CA THR A 31 -6.97 -1.82 3.03
C THR A 31 -7.01 -3.24 2.50
N ASP A 32 -6.08 -3.56 1.62
CA ASP A 32 -5.91 -4.93 1.19
C ASP A 32 -4.93 -5.61 2.11
N TRP A 33 -5.39 -6.65 2.77
CA TRP A 33 -4.59 -7.31 3.77
C TRP A 33 -3.59 -8.29 3.14
N PHE A 34 -3.74 -8.51 1.84
CA PHE A 34 -2.81 -9.35 1.10
C PHE A 34 -1.49 -8.62 0.89
N ASN A 35 -1.58 -7.49 0.20
CA ASN A 35 -0.40 -6.70 -0.06
C ASN A 35 -0.02 -5.90 1.18
N ASN A 36 -0.88 -5.97 2.20
CA ASN A 36 -0.51 -5.51 3.54
C ASN A 36 0.74 -6.24 3.99
N ASP A 37 0.75 -7.54 3.69
CA ASP A 37 1.90 -8.39 3.99
C ASP A 37 3.17 -7.88 3.32
N VAL A 38 3.06 -7.48 2.05
CA VAL A 38 4.24 -6.94 1.35
C VAL A 38 4.62 -5.59 1.95
N CYS A 39 3.61 -4.82 2.32
CA CYS A 39 3.82 -3.52 2.95
C CYS A 39 4.64 -3.63 4.23
N GLY A 40 4.39 -4.68 5.00
CA GLY A 40 5.12 -4.87 6.23
C GLY A 40 4.41 -4.27 7.42
N SER A 41 4.83 -3.08 7.80
CA SER A 41 4.28 -2.40 8.97
C SER A 41 3.13 -1.48 8.55
N TYR A 42 3.02 -1.26 7.26
CA TYR A 42 1.93 -0.47 6.70
C TYR A 42 0.85 -1.36 6.14
N ARG A 43 -0.18 -0.75 5.61
CA ARG A 43 -1.32 -1.45 5.07
C ARG A 43 -1.52 -1.05 3.61
N CYS A 44 -1.94 -1.99 2.77
CA CYS A 44 -2.03 -1.70 1.35
C CYS A 44 -3.32 -0.97 1.04
N CYS A 45 -3.24 0.34 1.07
CA CYS A 45 -4.36 1.18 0.73
C CYS A 45 -4.51 1.24 -0.78
N ARG A 46 -5.17 0.22 -1.30
CA ARG A 46 -5.44 0.11 -2.71
C ARG A 46 -6.47 1.12 -3.14
N PRO A 47 -6.24 1.83 -4.25
CA PRO A 47 -7.23 2.72 -4.82
C PRO A 47 -8.54 1.98 -5.01
N GLY A 48 -9.64 2.58 -4.58
CA GLY A 48 -10.93 1.91 -4.68
C GLY A 48 -11.35 1.64 -6.12
N ARG A 49 -10.48 2.02 -7.06
CA ARG A 49 -10.71 1.77 -8.47
C ARG A 49 -9.42 1.29 -9.14
N AAR A 50 -8.57 0.62 -8.35
CA AAR A 50 -7.31 0.06 -8.85
CB AAR A 50 -6.67 -0.87 -7.81
CG AAR A 50 -7.62 -1.57 -6.84
CD AAR A 50 -8.53 -2.57 -7.52
NE AAR A 50 -9.38 -3.26 -6.56
CZ AAR A 50 -10.64 -3.65 -6.81
NH1 AAR A 50 -11.34 -4.25 -5.87
NH2 AAR A 50 -11.16 -3.46 -8.02
C AAR A 50 -7.47 -0.65 -10.19
O AAR A 50 -8.12 -1.70 -10.29
NT AAR A 50 -6.89 -0.08 -11.24
H AAR A 50 -8.78 0.52 -7.41
HA AAR A 50 -6.65 0.90 -9.00
HB2 AAR A 50 -6.12 -1.63 -8.34
HB3 AAR A 50 -5.96 -0.29 -7.23
HG2 AAR A 50 -7.04 -2.08 -6.10
HG3 AAR A 50 -8.23 -0.82 -6.36
HD2 AAR A 50 -9.16 -2.05 -8.23
HD3 AAR A 50 -7.93 -3.30 -8.03
HE AAR A 50 -9.00 -3.42 -5.65
HH11 AAR A 50 -10.95 -4.41 -4.96
HH12 AAR A 50 -12.28 -4.56 -6.06
HH21 AAR A 50 -10.62 -3.01 -8.74
HH22 AAR A 50 -12.09 -3.76 -8.21
HNT1 AAR A 50 -6.37 0.77 -11.10
HNT2 AAR A 50 -6.98 -0.50 -12.15
N SER A 1 10.39 -3.43 0.69
CA SER A 1 9.81 -2.60 -0.41
C SER A 1 9.46 -3.48 -1.60
N TYR A 2 8.19 -3.82 -1.71
CA TYR A 2 7.65 -4.58 -2.83
C TYR A 2 8.11 -4.01 -4.17
N GLN A 3 8.07 -2.69 -4.28
CA GLN A 3 8.50 -2.02 -5.50
C GLN A 3 9.00 -0.62 -5.17
N ARG A 4 10.32 -0.52 -4.99
CA ARG A 4 11.01 0.74 -4.73
C ARG A 4 10.72 1.28 -3.33
N ILE A 5 11.71 1.94 -2.74
CA ILE A 5 11.55 2.60 -1.46
C ILE A 5 11.05 4.02 -1.72
N ARG A 6 9.76 4.22 -1.59
CA ARG A 6 9.13 5.41 -2.08
C ARG A 6 9.20 6.56 -1.07
N SER A 7 8.28 6.58 -0.11
CA SER A 7 8.20 7.68 0.83
C SER A 7 9.08 7.40 2.05
N ASP A 8 8.91 6.23 2.64
CA ASP A 8 9.70 5.82 3.79
C ASP A 8 10.08 4.36 3.67
N HIS A 9 10.54 3.78 4.77
CA HIS A 9 11.05 2.42 4.80
C HIS A 9 10.10 1.41 4.17
N ASP A 10 8.80 1.59 4.38
CA ASP A 10 7.84 0.63 3.84
C ASP A 10 6.68 1.31 3.16
N SER A 11 6.68 2.62 3.13
CA SER A 11 5.64 3.33 2.41
C SER A 11 5.95 3.29 0.92
N HIS A 12 5.50 2.21 0.28
CA HIS A 12 5.74 1.99 -1.14
C HIS A 12 4.45 1.60 -1.82
N SER A 13 4.54 1.42 -3.12
CA SER A 13 3.43 0.90 -3.88
C SER A 13 3.36 -0.61 -3.71
N CYS A 14 2.17 -1.13 -3.77
CA CYS A 14 1.95 -2.56 -3.73
C CYS A 14 0.90 -2.94 -4.74
N ALA A 15 0.72 -4.22 -4.95
CA ALA A 15 -0.23 -4.73 -5.95
C ALA A 15 0.04 -4.14 -7.33
N ASN A 16 1.26 -3.65 -7.54
CA ASN A 16 1.68 -3.06 -8.80
C ASN A 16 0.83 -1.85 -9.15
N ASN A 17 1.00 -0.80 -8.35
CA ASN A 17 0.26 0.46 -8.46
C ASN A 17 -1.07 0.38 -7.72
N ARG A 18 -1.68 -0.79 -7.74
CA ARG A 18 -3.04 -0.97 -7.26
C ARG A 18 -3.11 -0.99 -5.74
N GLY A 19 -2.08 -0.47 -5.09
CA GLY A 19 -1.98 -0.50 -3.65
C GLY A 19 -0.92 0.46 -3.15
N TRP A 20 -1.16 1.13 -2.03
CA TRP A 20 -0.12 1.92 -1.39
C TRP A 20 -0.02 1.58 0.08
N CYS A 21 1.21 1.53 0.57
CA CYS A 21 1.47 1.30 1.97
C CYS A 21 1.31 2.58 2.77
N ARG A 22 0.09 2.80 3.27
CA ARG A 22 -0.21 3.99 4.04
C ARG A 22 -0.53 3.60 5.48
N PRO A 23 -0.32 4.53 6.42
CA PRO A 23 -0.70 4.31 7.82
C PRO A 23 -2.20 4.48 8.01
N THR A 24 -2.82 5.14 7.05
CA THR A 24 -4.26 5.35 7.06
C THR A 24 -4.77 5.43 5.62
N CYS A 25 -5.88 4.77 5.36
CA CYS A 25 -6.45 4.72 4.02
C CYS A 25 -7.33 5.95 3.78
N PHE A 26 -7.26 6.49 2.57
CA PHE A 26 -8.04 7.67 2.23
C PHE A 26 -9.47 7.27 1.87
N SER A 27 -10.34 8.26 1.71
CA SER A 27 -11.76 8.02 1.50
C SER A 27 -12.07 7.60 0.05
N HIS A 28 -11.14 6.88 -0.55
CA HIS A 28 -11.30 6.37 -1.90
C HIS A 28 -10.50 5.09 -2.08
N GLU A 29 -10.16 4.46 -0.95
CA GLU A 29 -9.29 3.31 -0.96
C GLU A 29 -9.83 2.21 -0.05
N TYR A 30 -9.16 1.08 -0.03
CA TYR A 30 -9.54 -0.04 0.80
C TYR A 30 -8.29 -0.80 1.25
N THR A 31 -8.35 -1.41 2.44
CA THR A 31 -7.21 -2.15 2.97
C THR A 31 -7.15 -3.54 2.37
N ASP A 32 -6.18 -3.75 1.51
CA ASP A 32 -5.90 -5.09 1.05
C ASP A 32 -4.95 -5.74 2.05
N TRP A 33 -5.26 -6.95 2.44
CA TRP A 33 -4.46 -7.65 3.41
C TRP A 33 -3.42 -8.56 2.76
N PHE A 34 -3.54 -8.74 1.45
CA PHE A 34 -2.56 -9.49 0.68
C PHE A 34 -1.32 -8.65 0.53
N ASN A 35 -1.49 -7.51 -0.12
CA ASN A 35 -0.41 -6.60 -0.32
C ASN A 35 -0.10 -5.86 0.98
N ASN A 36 -0.85 -6.17 2.02
CA ASN A 36 -0.54 -5.70 3.36
C ASN A 36 0.66 -6.47 3.88
N ASP A 37 0.75 -7.73 3.46
CA ASP A 37 1.87 -8.58 3.84
C ASP A 37 3.18 -8.00 3.31
N VAL A 38 3.14 -7.45 2.10
CA VAL A 38 4.33 -6.83 1.52
C VAL A 38 4.63 -5.52 2.21
N CYS A 39 3.58 -4.89 2.71
CA CYS A 39 3.71 -3.63 3.44
C CYS A 39 4.00 -3.90 4.90
N GLY A 40 5.19 -4.40 5.19
CA GLY A 40 5.56 -4.76 6.55
C GLY A 40 5.84 -3.57 7.44
N SER A 41 4.79 -2.81 7.73
CA SER A 41 4.85 -1.60 8.57
C SER A 41 3.57 -0.82 8.33
N TYR A 42 2.98 -1.06 7.17
CA TYR A 42 1.81 -0.34 6.72
C TYR A 42 0.71 -1.30 6.31
N ARG A 43 -0.29 -0.76 5.64
CA ARG A 43 -1.37 -1.56 5.11
C ARG A 43 -1.61 -1.14 3.67
N CYS A 44 -1.99 -2.09 2.81
CA CYS A 44 -2.13 -1.76 1.40
C CYS A 44 -3.45 -1.06 1.16
N CYS A 45 -3.41 0.25 1.23
CA CYS A 45 -4.57 1.07 0.91
C CYS A 45 -4.72 1.14 -0.59
N ARG A 46 -5.38 0.13 -1.13
CA ARG A 46 -5.61 0.03 -2.56
C ARG A 46 -6.66 1.01 -2.98
N PRO A 47 -6.38 1.80 -4.02
CA PRO A 47 -7.37 2.65 -4.66
C PRO A 47 -8.62 1.84 -4.97
N GLY A 48 -9.78 2.40 -4.66
CA GLY A 48 -11.03 1.71 -4.93
C GLY A 48 -11.23 1.42 -6.42
N ARG A 49 -10.36 1.98 -7.24
CA ARG A 49 -10.35 1.70 -8.68
C ARG A 49 -9.07 1.00 -9.11
N AAR A 50 -8.23 0.68 -8.12
CA AAR A 50 -6.97 -0.04 -8.30
CB AAR A 50 -7.27 -1.53 -8.44
CG AAR A 50 -8.54 -1.96 -7.71
CD AAR A 50 -8.98 -3.36 -8.09
NE AAR A 50 -8.23 -4.41 -7.39
CZ AAR A 50 -7.84 -5.54 -7.97
NH1 AAR A 50 -7.30 -6.51 -7.26
NH2 AAR A 50 -8.00 -5.72 -9.28
C AAR A 50 -6.13 0.48 -9.48
O AAR A 50 -5.31 1.39 -9.30
NT AAR A 50 -6.31 -0.10 -10.65
H AAR A 50 -8.47 0.92 -7.22
HA AAR A 50 -6.41 0.11 -7.41
HB2 AAR A 50 -7.36 -1.77 -9.49
HB3 AAR A 50 -6.45 -2.07 -8.03
HG2 AAR A 50 -8.35 -1.92 -6.64
HG3 AAR A 50 -9.33 -1.26 -7.95
HD2 AAR A 50 -10.02 -3.47 -7.84
HD3 AAR A 50 -8.86 -3.49 -9.15
HE AAR A 50 -8.05 -4.27 -6.43
HH11 AAR A 50 -7.16 -6.39 -6.26
HH12 AAR A 50 -7.00 -7.37 -7.69
HH21 AAR A 50 -8.41 -4.99 -9.84
HH22 AAR A 50 -7.72 -6.58 -9.71
HNT1 AAR A 50 -6.99 -0.82 -10.76
HNT2 AAR A 50 -5.76 0.21 -11.44
N SER A 1 10.61 -4.01 0.02
CA SER A 1 10.06 -3.16 -1.06
C SER A 1 9.52 -4.03 -2.20
N TYR A 2 8.20 -4.20 -2.23
CA TYR A 2 7.53 -4.92 -3.33
C TYR A 2 7.82 -4.22 -4.66
N GLN A 3 8.00 -2.90 -4.59
CA GLN A 3 8.34 -2.12 -5.76
C GLN A 3 8.95 -0.80 -5.33
N ARG A 4 10.27 -0.82 -5.11
CA ARG A 4 11.03 0.38 -4.71
C ARG A 4 10.63 0.90 -3.32
N ILE A 5 11.53 1.67 -2.72
CA ILE A 5 11.23 2.44 -1.54
C ILE A 5 11.10 3.91 -1.95
N ARG A 6 9.89 4.43 -1.92
CA ARG A 6 9.65 5.77 -2.43
C ARG A 6 9.77 6.83 -1.35
N SER A 7 8.76 6.93 -0.50
CA SER A 7 8.73 7.97 0.51
C SER A 7 9.37 7.50 1.81
N ASP A 8 8.93 6.34 2.28
CA ASP A 8 9.45 5.77 3.53
C ASP A 8 9.75 4.30 3.34
N HIS A 9 10.33 3.67 4.35
CA HIS A 9 10.73 2.27 4.26
C HIS A 9 9.54 1.38 3.91
N ASP A 10 8.40 1.65 4.53
CA ASP A 10 7.22 0.84 4.29
C ASP A 10 6.35 1.46 3.20
N SER A 11 6.50 2.75 2.96
CA SER A 11 5.64 3.46 2.03
C SER A 11 6.06 3.22 0.58
N HIS A 12 5.42 2.25 -0.05
CA HIS A 12 5.69 1.94 -1.45
C HIS A 12 4.44 1.46 -2.16
N SER A 13 4.57 1.31 -3.46
CA SER A 13 3.51 0.76 -4.26
C SER A 13 3.40 -0.74 -4.06
N CYS A 14 2.19 -1.23 -4.01
CA CYS A 14 1.94 -2.65 -3.91
C CYS A 14 0.84 -3.03 -4.88
N ALA A 15 0.50 -4.31 -4.93
CA ALA A 15 -0.49 -4.83 -5.87
C ALA A 15 -0.24 -4.38 -7.30
N ASN A 16 1.01 -4.03 -7.60
CA ASN A 16 1.42 -3.63 -8.94
C ASN A 16 0.69 -2.37 -9.38
N ASN A 17 0.89 -1.30 -8.59
CA ASN A 17 0.22 0.00 -8.77
C ASN A 17 -1.08 0.05 -8.00
N ARG A 18 -1.75 -1.10 -7.94
CA ARG A 18 -3.11 -1.17 -7.44
C ARG A 18 -3.14 -1.14 -5.92
N GLY A 19 -2.09 -0.63 -5.31
CA GLY A 19 -1.97 -0.60 -3.87
C GLY A 19 -0.90 0.38 -3.44
N TRP A 20 -1.14 1.08 -2.33
CA TRP A 20 -0.07 1.87 -1.71
C TRP A 20 0.01 1.53 -0.23
N CYS A 21 1.21 1.37 0.24
CA CYS A 21 1.45 1.10 1.64
C CYS A 21 1.36 2.39 2.44
N ARG A 22 0.27 2.55 3.15
CA ARG A 22 0.03 3.74 3.95
C ARG A 22 -0.24 3.33 5.40
N PRO A 23 0.06 4.22 6.35
CA PRO A 23 -0.29 4.01 7.75
C PRO A 23 -1.77 4.26 8.00
N THR A 24 -2.40 4.94 7.04
CA THR A 24 -3.82 5.24 7.09
C THR A 24 -4.35 5.45 5.68
N CYS A 25 -5.53 4.92 5.41
CA CYS A 25 -6.11 4.93 4.07
C CYS A 25 -6.91 6.20 3.83
N PHE A 26 -6.88 6.68 2.60
CA PHE A 26 -7.61 7.90 2.23
C PHE A 26 -9.02 7.55 1.82
N SER A 27 -9.88 8.56 1.71
CA SER A 27 -11.29 8.37 1.43
C SER A 27 -11.56 8.03 -0.04
N HIS A 28 -10.72 7.19 -0.60
CA HIS A 28 -10.88 6.70 -1.97
C HIS A 28 -10.16 5.37 -2.11
N GLU A 29 -9.89 4.74 -0.99
CA GLU A 29 -9.07 3.54 -0.96
C GLU A 29 -9.66 2.50 -0.02
N TYR A 30 -8.99 1.35 0.06
CA TYR A 30 -9.40 0.28 0.94
C TYR A 30 -8.18 -0.51 1.39
N THR A 31 -8.31 -1.23 2.49
CA THR A 31 -7.21 -2.00 3.04
C THR A 31 -7.13 -3.38 2.41
N ASP A 32 -6.07 -3.60 1.64
CA ASP A 32 -5.77 -4.94 1.15
C ASP A 32 -4.84 -5.61 2.15
N TRP A 33 -5.17 -6.83 2.52
CA TRP A 33 -4.40 -7.56 3.51
C TRP A 33 -3.37 -8.49 2.86
N PHE A 34 -3.51 -8.70 1.57
CA PHE A 34 -2.53 -9.47 0.80
C PHE A 34 -1.28 -8.61 0.62
N ASN A 35 -1.49 -7.47 -0.01
CA ASN A 35 -0.43 -6.54 -0.26
C ASN A 35 -0.03 -5.87 1.05
N ASN A 36 -0.87 -6.01 2.07
CA ASN A 36 -0.54 -5.52 3.42
C ASN A 36 0.69 -6.24 3.93
N ASP A 37 0.80 -7.52 3.58
CA ASP A 37 1.95 -8.31 3.96
C ASP A 37 3.24 -7.73 3.36
N VAL A 38 3.18 -7.37 2.08
CA VAL A 38 4.36 -6.78 1.42
C VAL A 38 4.66 -5.40 1.97
N CYS A 39 3.61 -4.73 2.42
CA CYS A 39 3.73 -3.40 2.98
C CYS A 39 4.46 -3.39 4.33
N GLY A 40 4.57 -4.56 4.95
CA GLY A 40 5.31 -4.66 6.20
C GLY A 40 4.59 -4.00 7.36
N SER A 41 5.06 -2.82 7.74
CA SER A 41 4.53 -2.13 8.90
C SER A 41 3.41 -1.17 8.50
N TYR A 42 3.12 -1.16 7.20
CA TYR A 42 2.02 -0.39 6.66
C TYR A 42 0.94 -1.32 6.13
N ARG A 43 -0.18 -0.72 5.74
CA ARG A 43 -1.31 -1.46 5.19
C ARG A 43 -1.53 -1.03 3.76
N CYS A 44 -1.90 -1.96 2.88
CA CYS A 44 -2.03 -1.60 1.48
C CYS A 44 -3.36 -0.91 1.22
N CYS A 45 -3.30 0.40 1.19
CA CYS A 45 -4.45 1.20 0.85
C CYS A 45 -4.58 1.27 -0.66
N ARG A 46 -5.32 0.31 -1.19
CA ARG A 46 -5.52 0.20 -2.62
C ARG A 46 -6.55 1.20 -3.07
N PRO A 47 -6.32 1.85 -4.22
CA PRO A 47 -7.28 2.77 -4.81
C PRO A 47 -8.57 2.04 -5.09
N GLY A 48 -9.69 2.58 -4.62
CA GLY A 48 -10.98 1.89 -4.77
C GLY A 48 -11.36 1.63 -6.22
N ARG A 49 -10.52 2.04 -7.15
CA ARG A 49 -10.76 1.82 -8.57
C ARG A 49 -9.54 1.19 -9.26
N AAR A 50 -8.72 0.48 -8.47
CA AAR A 50 -7.59 -0.29 -8.99
CB AAR A 50 -7.01 -1.19 -7.88
CG AAR A 50 -8.03 -1.66 -6.83
CD AAR A 50 -8.94 -2.76 -7.34
NE AAR A 50 -8.39 -4.08 -7.10
CZ AAR A 50 -8.38 -5.06 -8.01
NH1 AAR A 50 -7.92 -6.26 -7.69
NH2 AAR A 50 -8.82 -4.83 -9.25
C AAR A 50 -7.96 -1.12 -10.23
O AAR A 50 -8.69 -2.10 -10.14
NT AAR A 50 -7.44 -0.72 -11.37
H AAR A 50 -8.85 0.52 -7.51
HA AAR A 50 -6.83 0.41 -9.27
HB2 AAR A 50 -6.58 -2.07 -8.34
HB3 AAR A 50 -6.23 -0.65 -7.37
HG2 AAR A 50 -7.48 -2.03 -5.97
HG3 AAR A 50 -8.63 -0.81 -6.52
HD2 AAR A 50 -9.89 -2.68 -6.82
HD3 AAR A 50 -9.10 -2.61 -8.40
HE AAR A 50 -8.03 -4.27 -6.20
HH11 AAR A 50 -7.58 -6.45 -6.76
HH12 AAR A 50 -7.90 -6.99 -8.38
HH21 AAR A 50 -9.17 -3.92 -9.50
HH22 AAR A 50 -8.83 -5.57 -9.92
HNT1 AAR A 50 -6.85 0.09 -11.39
HNT2 AAR A 50 -7.67 -1.22 -12.20
N SER A 1 10.34 -3.84 0.53
CA SER A 1 10.35 -2.96 -0.66
C SER A 1 9.90 -3.73 -1.89
N TYR A 2 8.59 -3.96 -2.00
CA TYR A 2 8.03 -4.58 -3.20
C TYR A 2 8.28 -3.70 -4.42
N GLN A 3 8.35 -2.39 -4.20
CA GLN A 3 8.61 -1.44 -5.27
C GLN A 3 9.25 -0.16 -4.70
N ARG A 4 10.49 -0.31 -4.23
CA ARG A 4 11.31 0.79 -3.72
C ARG A 4 10.76 1.38 -2.41
N ILE A 5 11.65 1.93 -1.60
CA ILE A 5 11.26 2.69 -0.43
C ILE A 5 11.08 4.15 -0.86
N ARG A 6 9.84 4.52 -1.17
CA ARG A 6 9.55 5.82 -1.72
C ARG A 6 9.50 6.90 -0.65
N SER A 7 8.38 6.99 0.06
CA SER A 7 8.21 8.03 1.06
C SER A 7 8.75 7.58 2.41
N ASP A 8 7.97 6.76 3.12
CA ASP A 8 8.42 6.22 4.40
C ASP A 8 9.08 4.87 4.18
N HIS A 9 9.57 4.27 5.26
CA HIS A 9 10.30 3.01 5.17
C HIS A 9 9.45 1.91 4.54
N ASP A 10 8.19 1.87 4.95
CA ASP A 10 7.28 0.84 4.48
C ASP A 10 6.43 1.35 3.31
N SER A 11 6.60 2.62 2.96
CA SER A 11 5.73 3.24 1.98
C SER A 11 6.20 2.94 0.56
N HIS A 12 5.50 2.02 -0.08
CA HIS A 12 5.77 1.68 -1.46
C HIS A 12 4.49 1.24 -2.13
N SER A 13 4.57 1.02 -3.43
CA SER A 13 3.43 0.52 -4.17
C SER A 13 3.34 -1.00 -4.05
N CYS A 14 2.15 -1.52 -4.21
CA CYS A 14 1.89 -2.94 -4.17
C CYS A 14 0.78 -3.27 -5.15
N ALA A 15 0.53 -4.56 -5.34
CA ALA A 15 -0.54 -5.02 -6.23
C ALA A 15 -0.40 -4.46 -7.65
N ASN A 16 0.81 -4.10 -8.04
CA ASN A 16 1.10 -3.57 -9.37
C ASN A 16 0.38 -2.23 -9.55
N ASN A 17 0.82 -1.24 -8.79
CA ASN A 17 0.23 0.11 -8.78
C ASN A 17 -1.07 0.14 -7.99
N ARG A 18 -1.82 -0.96 -8.05
CA ARG A 18 -3.17 -1.01 -7.51
C ARG A 18 -3.18 -1.05 -5.99
N GLY A 19 -2.07 -0.65 -5.40
CA GLY A 19 -1.91 -0.67 -3.96
C GLY A 19 -0.80 0.27 -3.53
N TRP A 20 -1.00 0.96 -2.41
CA TRP A 20 0.08 1.77 -1.83
C TRP A 20 0.11 1.58 -0.32
N CYS A 21 1.31 1.39 0.20
CA CYS A 21 1.50 1.19 1.61
C CYS A 21 1.39 2.51 2.37
N ARG A 22 0.31 2.65 3.11
CA ARG A 22 0.07 3.84 3.89
C ARG A 22 -0.27 3.45 5.32
N PRO A 23 -0.04 4.36 6.28
CA PRO A 23 -0.46 4.16 7.66
C PRO A 23 -1.94 4.48 7.84
N THR A 24 -2.50 5.20 6.88
CA THR A 24 -3.90 5.59 6.92
C THR A 24 -4.53 5.55 5.53
N CYS A 25 -5.53 4.70 5.36
CA CYS A 25 -6.21 4.60 4.07
C CYS A 25 -7.24 5.70 3.92
N PHE A 26 -7.19 6.40 2.79
CA PHE A 26 -8.15 7.44 2.48
C PHE A 26 -9.51 6.85 2.13
N SER A 27 -10.51 7.70 1.97
CA SER A 27 -11.85 7.23 1.63
C SER A 27 -11.87 6.64 0.24
N HIS A 28 -10.97 7.09 -0.62
CA HIS A 28 -10.88 6.56 -1.97
C HIS A 28 -9.96 5.34 -2.02
N GLU A 29 -9.65 4.78 -0.86
CA GLU A 29 -8.81 3.60 -0.80
C GLU A 29 -9.39 2.59 0.17
N TYR A 30 -8.81 1.39 0.18
CA TYR A 30 -9.21 0.35 1.10
C TYR A 30 -7.99 -0.45 1.53
N THR A 31 -8.11 -1.16 2.65
CA THR A 31 -6.99 -1.89 3.20
C THR A 31 -6.89 -3.29 2.61
N ASP A 32 -5.99 -3.46 1.66
CA ASP A 32 -5.69 -4.79 1.13
C ASP A 32 -4.75 -5.49 2.09
N TRP A 33 -5.18 -6.63 2.60
CA TRP A 33 -4.43 -7.35 3.61
C TRP A 33 -3.41 -8.30 2.99
N PHE A 34 -3.60 -8.61 1.73
CA PHE A 34 -2.63 -9.40 0.98
C PHE A 34 -1.34 -8.61 0.83
N ASN A 35 -1.46 -7.47 0.21
CA ASN A 35 -0.32 -6.60 -0.01
C ASN A 35 0.03 -5.84 1.26
N ASN A 36 -0.83 -5.95 2.26
CA ASN A 36 -0.51 -5.42 3.58
C ASN A 36 0.73 -6.13 4.11
N ASP A 37 0.83 -7.41 3.76
CA ASP A 37 1.97 -8.21 4.14
C ASP A 37 3.23 -7.75 3.43
N VAL A 38 3.12 -7.44 2.13
CA VAL A 38 4.27 -6.95 1.37
C VAL A 38 4.68 -5.57 1.86
N CYS A 39 3.71 -4.81 2.33
CA CYS A 39 3.93 -3.48 2.88
C CYS A 39 4.75 -3.54 4.17
N GLY A 40 4.53 -4.57 4.97
CA GLY A 40 5.26 -4.68 6.22
C GLY A 40 4.50 -4.04 7.37
N SER A 41 4.96 -2.88 7.79
CA SER A 41 4.36 -2.20 8.93
C SER A 41 3.25 -1.25 8.47
N TYR A 42 3.11 -1.10 7.16
CA TYR A 42 2.02 -0.33 6.59
C TYR A 42 0.97 -1.25 6.02
N ARG A 43 -0.13 -0.67 5.63
CA ARG A 43 -1.23 -1.42 5.06
C ARG A 43 -1.45 -0.98 3.62
N CYS A 44 -1.81 -1.92 2.74
CA CYS A 44 -1.94 -1.60 1.33
C CYS A 44 -3.24 -0.88 1.07
N CYS A 45 -3.17 0.44 1.06
CA CYS A 45 -4.31 1.26 0.77
C CYS A 45 -4.51 1.35 -0.73
N ARG A 46 -5.18 0.33 -1.26
CA ARG A 46 -5.45 0.24 -2.68
C ARG A 46 -6.51 1.26 -3.05
N PRO A 47 -6.31 1.96 -4.17
CA PRO A 47 -7.34 2.82 -4.74
C PRO A 47 -8.65 2.05 -4.85
N GLY A 48 -9.73 2.60 -4.30
CA GLY A 48 -11.03 1.93 -4.29
C GLY A 48 -11.67 1.81 -5.66
N ARG A 49 -10.85 1.58 -6.66
CA ARG A 49 -11.29 1.32 -8.02
C ARG A 49 -10.19 0.56 -8.76
N AAR A 50 -8.94 0.93 -8.47
CA AAR A 50 -7.73 0.35 -9.06
CB AAR A 50 -7.12 -0.79 -8.20
CG AAR A 50 -8.03 -2.00 -7.92
CD AAR A 50 -9.03 -1.71 -6.82
NE AAR A 50 -9.70 -2.91 -6.34
CZ AAR A 50 -10.78 -3.44 -6.89
NH1 AAR A 50 -11.36 -4.51 -6.35
NH2 AAR A 50 -11.30 -2.92 -8.00
C AAR A 50 -7.93 -0.10 -10.52
O AAR A 50 -8.11 -1.28 -10.81
NT AAR A 50 -7.88 0.86 -11.43
H AAR A 50 -8.81 1.64 -7.81
HA AAR A 50 -7.01 1.14 -9.07
HB2 AAR A 50 -6.25 -1.17 -8.73
HB3 AAR A 50 -6.81 -0.38 -7.26
HG2 AAR A 50 -8.57 -2.24 -8.82
HG3 AAR A 50 -7.41 -2.83 -7.62
HD2 AAR A 50 -8.52 -1.25 -5.99
HD3 AAR A 50 -9.78 -1.03 -7.20
HE AAR A 50 -9.30 -3.35 -5.53
HH11 AAR A 50 -10.97 -4.93 -5.52
HH12 AAR A 50 -12.18 -4.91 -6.76
HH21 AAR A 50 -10.87 -2.11 -8.43
HH22 AAR A 50 -12.12 -3.31 -8.42
HNT1 AAR A 50 -7.72 1.80 -11.14
HNT2 AAR A 50 -7.98 0.62 -12.39
N SER A 1 10.65 -4.12 0.27
CA SER A 1 10.27 -3.20 -0.82
C SER A 1 9.65 -3.97 -1.99
N TYR A 2 8.32 -4.02 -2.02
CA TYR A 2 7.61 -4.61 -3.14
C TYR A 2 7.93 -3.87 -4.43
N GLN A 3 8.02 -2.54 -4.32
CA GLN A 3 8.31 -1.70 -5.47
C GLN A 3 8.93 -0.37 -5.01
N ARG A 4 10.24 -0.39 -4.80
CA ARG A 4 11.02 0.81 -4.45
C ARG A 4 10.74 1.29 -3.03
N ILE A 5 11.75 1.87 -2.40
CA ILE A 5 11.60 2.50 -1.11
C ILE A 5 11.38 3.99 -1.32
N ARG A 6 10.14 4.41 -1.20
CA ARG A 6 9.74 5.74 -1.63
C ARG A 6 10.07 6.79 -0.58
N SER A 7 9.29 6.80 0.49
CA SER A 7 9.46 7.79 1.55
C SER A 7 9.92 7.10 2.83
N ASP A 8 8.98 6.43 3.49
CA ASP A 8 9.29 5.71 4.71
C ASP A 8 9.92 4.36 4.39
N HIS A 9 10.25 3.60 5.41
CA HIS A 9 10.87 2.31 5.23
C HIS A 9 10.00 1.39 4.39
N ASP A 10 8.70 1.39 4.66
CA ASP A 10 7.80 0.49 3.98
C ASP A 10 6.68 1.22 3.25
N SER A 11 6.82 2.51 3.06
CA SER A 11 5.81 3.24 2.30
C SER A 11 6.15 3.16 0.82
N HIS A 12 5.54 2.20 0.15
CA HIS A 12 5.76 1.94 -1.27
C HIS A 12 4.48 1.53 -1.93
N SER A 13 4.53 1.25 -3.22
CA SER A 13 3.39 0.73 -3.92
C SER A 13 3.32 -0.77 -3.75
N CYS A 14 2.14 -1.30 -3.94
CA CYS A 14 1.92 -2.73 -3.93
C CYS A 14 0.89 -3.09 -4.98
N ALA A 15 0.77 -4.38 -5.27
CA ALA A 15 -0.16 -4.87 -6.30
C ALA A 15 0.06 -4.21 -7.65
N ASN A 16 1.25 -3.64 -7.84
CA ASN A 16 1.57 -2.87 -9.05
C ASN A 16 0.64 -1.71 -9.19
N ASN A 17 0.93 -0.68 -8.39
CA ASN A 17 0.20 0.58 -8.41
C ASN A 17 -1.11 0.47 -7.66
N ARG A 18 -1.71 -0.71 -7.75
CA ARG A 18 -3.06 -0.95 -7.27
C ARG A 18 -3.14 -0.83 -5.77
N GLY A 19 -2.01 -0.60 -5.14
CA GLY A 19 -1.94 -0.52 -3.70
C GLY A 19 -0.84 0.42 -3.25
N TRP A 20 -1.03 1.09 -2.13
CA TRP A 20 0.04 1.87 -1.53
C TRP A 20 0.09 1.63 -0.03
N CYS A 21 1.29 1.53 0.49
CA CYS A 21 1.51 1.34 1.90
C CYS A 21 1.36 2.65 2.66
N ARG A 22 0.17 2.89 3.18
CA ARG A 22 -0.11 4.10 3.92
C ARG A 22 -0.51 3.76 5.35
N PRO A 23 -0.41 4.72 6.28
CA PRO A 23 -0.85 4.51 7.66
C PRO A 23 -2.35 4.40 7.73
N THR A 24 -3.04 5.37 7.16
CA THR A 24 -4.48 5.43 7.20
C THR A 24 -5.05 5.68 5.81
N CYS A 25 -5.84 4.72 5.33
CA CYS A 25 -6.40 4.75 4.00
C CYS A 25 -7.37 5.92 3.83
N PHE A 26 -7.43 6.46 2.62
CA PHE A 26 -8.29 7.59 2.33
C PHE A 26 -9.66 7.12 1.86
N SER A 27 -10.60 8.07 1.73
CA SER A 27 -11.99 7.74 1.43
C SER A 27 -12.20 7.49 -0.07
N HIS A 28 -11.28 6.74 -0.64
CA HIS A 28 -11.36 6.31 -2.02
C HIS A 28 -10.47 5.09 -2.22
N GLU A 29 -10.26 4.38 -1.11
CA GLU A 29 -9.33 3.27 -1.07
C GLU A 29 -9.86 2.16 -0.17
N TYR A 30 -9.12 1.07 -0.08
CA TYR A 30 -9.47 -0.03 0.79
C TYR A 30 -8.22 -0.77 1.23
N THR A 31 -8.30 -1.45 2.36
CA THR A 31 -7.14 -2.16 2.90
C THR A 31 -6.99 -3.55 2.27
N ASP A 32 -5.95 -3.70 1.46
CA ASP A 32 -5.60 -5.00 0.92
C ASP A 32 -4.68 -5.70 1.89
N TRP A 33 -5.17 -6.79 2.46
CA TRP A 33 -4.44 -7.50 3.49
C TRP A 33 -3.36 -8.40 2.89
N PHE A 34 -3.48 -8.64 1.59
CA PHE A 34 -2.49 -9.41 0.86
C PHE A 34 -1.20 -8.60 0.76
N ASN A 35 -1.30 -7.44 0.15
CA ASN A 35 -0.16 -6.56 0.02
C ASN A 35 0.14 -5.88 1.35
N ASN A 36 -0.74 -6.07 2.33
CA ASN A 36 -0.40 -5.68 3.70
C ASN A 36 0.83 -6.45 4.14
N ASP A 37 0.90 -7.70 3.70
CA ASP A 37 2.02 -8.57 4.00
C ASP A 37 3.32 -8.00 3.45
N VAL A 38 3.26 -7.47 2.22
CA VAL A 38 4.45 -6.84 1.64
C VAL A 38 4.77 -5.54 2.35
N CYS A 39 3.72 -4.82 2.71
CA CYS A 39 3.83 -3.58 3.46
C CYS A 39 4.01 -3.84 4.96
N GLY A 40 5.15 -4.40 5.33
CA GLY A 40 5.40 -4.75 6.72
C GLY A 40 5.69 -3.53 7.60
N SER A 41 4.67 -2.71 7.80
CA SER A 41 4.77 -1.45 8.54
C SER A 41 3.51 -0.63 8.30
N TYR A 42 2.86 -0.94 7.20
CA TYR A 42 1.71 -0.21 6.74
C TYR A 42 0.62 -1.16 6.30
N ARG A 43 -0.36 -0.62 5.62
CA ARG A 43 -1.44 -1.41 5.08
C ARG A 43 -1.67 -0.99 3.64
N CYS A 44 -1.96 -1.93 2.77
CA CYS A 44 -2.05 -1.64 1.35
C CYS A 44 -3.37 -0.95 1.04
N CYS A 45 -3.35 0.37 1.10
CA CYS A 45 -4.50 1.18 0.81
C CYS A 45 -4.71 1.26 -0.69
N ARG A 46 -5.29 0.20 -1.23
CA ARG A 46 -5.54 0.10 -2.65
C ARG A 46 -6.59 1.09 -3.07
N PRO A 47 -6.34 1.87 -4.13
CA PRO A 47 -7.35 2.72 -4.73
C PRO A 47 -8.60 1.90 -5.01
N GLY A 48 -9.76 2.37 -4.54
CA GLY A 48 -11.01 1.64 -4.75
C GLY A 48 -11.39 1.57 -6.22
N ARG A 49 -10.52 2.07 -7.06
CA ARG A 49 -10.71 2.07 -8.49
C ARG A 49 -9.38 1.72 -9.16
N AAR A 50 -8.61 0.88 -8.48
CA AAR A 50 -7.29 0.45 -8.94
CB AAR A 50 -6.64 -0.51 -7.94
CG AAR A 50 -7.27 -1.89 -7.80
CD AAR A 50 -8.70 -1.85 -7.30
NE AAR A 50 -9.16 -3.15 -6.84
CZ AAR A 50 -10.03 -3.92 -7.50
NH1 AAR A 50 -10.43 -5.07 -6.98
NH2 AAR A 50 -10.49 -3.54 -8.69
C AAR A 50 -7.37 -0.18 -10.34
O AAR A 50 -7.96 -1.23 -10.54
NT AAR A 50 -6.77 0.49 -11.31
H AAR A 50 -8.92 0.55 -7.61
HA AAR A 50 -6.69 1.34 -9.00
HB2 AAR A 50 -5.60 -0.65 -8.23
HB3 AAR A 50 -6.64 -0.04 -6.96
HG2 AAR A 50 -7.25 -2.38 -8.77
HG3 AAR A 50 -6.68 -2.48 -7.11
HD2 AAR A 50 -8.77 -1.14 -6.49
HD3 AAR A 50 -9.33 -1.51 -8.12
HE AAR A 50 -8.82 -3.46 -5.96
HH11 AAR A 50 -10.09 -5.36 -6.08
HH12 AAR A 50 -11.08 -5.65 -7.47
HH21 AAR A 50 -10.20 -2.68 -9.10
HH22 AAR A 50 -11.15 -4.13 -9.18
HNT1 AAR A 50 -6.30 1.35 -11.11
HNT2 AAR A 50 -6.81 0.14 -12.25
N SER A 1 10.10 -3.76 0.16
CA SER A 1 10.09 -2.92 -1.05
C SER A 1 9.58 -3.72 -2.27
N TYR A 2 8.32 -4.15 -2.20
CA TYR A 2 7.68 -4.85 -3.31
C TYR A 2 7.83 -4.07 -4.62
N GLN A 3 7.75 -2.75 -4.51
CA GLN A 3 7.95 -1.87 -5.65
C GLN A 3 8.69 -0.63 -5.19
N ARG A 4 9.97 -0.80 -4.87
CA ARG A 4 10.85 0.32 -4.51
C ARG A 4 10.48 0.91 -3.14
N ILE A 5 11.37 1.74 -2.62
CA ILE A 5 11.07 2.59 -1.48
C ILE A 5 10.84 4.01 -1.98
N ARG A 6 9.63 4.53 -1.78
CA ARG A 6 9.32 5.86 -2.28
C ARG A 6 9.25 6.89 -1.16
N SER A 7 8.15 6.91 -0.42
CA SER A 7 7.93 7.94 0.58
C SER A 7 8.62 7.57 1.89
N ASP A 8 8.46 6.31 2.29
CA ASP A 8 9.09 5.79 3.49
C ASP A 8 9.70 4.45 3.16
N HIS A 9 10.47 3.89 4.07
CA HIS A 9 11.07 2.60 3.82
C HIS A 9 10.01 1.49 3.69
N ASP A 10 8.88 1.66 4.35
CA ASP A 10 7.76 0.73 4.18
C ASP A 10 6.74 1.27 3.19
N SER A 11 6.77 2.58 2.95
CA SER A 11 5.76 3.22 2.11
C SER A 11 6.12 3.07 0.63
N HIS A 12 5.42 2.15 -0.03
CA HIS A 12 5.61 1.89 -1.44
C HIS A 12 4.30 1.45 -2.07
N SER A 13 4.32 1.27 -3.37
CA SER A 13 3.18 0.73 -4.07
C SER A 13 3.19 -0.79 -4.00
N CYS A 14 2.01 -1.37 -4.08
CA CYS A 14 1.87 -2.80 -4.07
C CYS A 14 0.80 -3.21 -5.07
N ALA A 15 0.69 -4.50 -5.34
CA ALA A 15 -0.29 -5.04 -6.28
C ALA A 15 -0.13 -4.44 -7.68
N ASN A 16 1.02 -3.85 -7.95
CA ASN A 16 1.30 -3.18 -9.22
C ASN A 16 0.46 -1.95 -9.29
N ASN A 17 0.86 -0.95 -8.49
CA ASN A 17 0.21 0.36 -8.46
C ASN A 17 -1.08 0.32 -7.65
N ARG A 18 -1.77 -0.80 -7.71
CA ARG A 18 -3.14 -0.92 -7.23
C ARG A 18 -3.20 -1.00 -5.72
N GLY A 19 -2.15 -0.54 -5.07
CA GLY A 19 -2.03 -0.59 -3.63
C GLY A 19 -0.95 0.36 -3.15
N TRP A 20 -1.17 1.03 -2.04
CA TRP A 20 -0.11 1.83 -1.44
C TRP A 20 0.03 1.53 0.04
N CYS A 21 1.25 1.38 0.48
CA CYS A 21 1.54 1.16 1.88
C CYS A 21 1.36 2.45 2.67
N ARG A 22 0.17 2.64 3.21
CA ARG A 22 -0.16 3.82 3.98
C ARG A 22 -0.47 3.43 5.41
N PRO A 23 -0.32 4.37 6.35
CA PRO A 23 -0.72 4.16 7.75
C PRO A 23 -2.22 4.25 7.92
N THR A 24 -2.87 4.84 6.94
CA THR A 24 -4.31 5.00 6.94
C THR A 24 -4.80 5.23 5.51
N CYS A 25 -5.92 4.63 5.18
CA CYS A 25 -6.47 4.70 3.83
C CYS A 25 -7.34 5.93 3.66
N PHE A 26 -7.15 6.63 2.56
CA PHE A 26 -7.88 7.85 2.28
C PHE A 26 -9.28 7.53 1.78
N SER A 27 -10.10 8.56 1.59
CA SER A 27 -11.51 8.38 1.27
C SER A 27 -11.71 8.02 -0.21
N HIS A 28 -10.85 7.15 -0.70
CA HIS A 28 -10.92 6.65 -2.07
C HIS A 28 -10.17 5.34 -2.18
N GLU A 29 -9.96 4.70 -1.05
CA GLU A 29 -9.10 3.52 -0.97
C GLU A 29 -9.71 2.45 -0.06
N TYR A 30 -9.03 1.30 -0.01
CA TYR A 30 -9.44 0.20 0.84
C TYR A 30 -8.20 -0.56 1.30
N THR A 31 -8.33 -1.35 2.35
CA THR A 31 -7.19 -2.05 2.91
C THR A 31 -7.02 -3.45 2.31
N ASP A 32 -6.02 -3.63 1.47
CA ASP A 32 -5.67 -4.96 0.98
C ASP A 32 -4.78 -5.66 1.99
N TRP A 33 -5.26 -6.75 2.56
CA TRP A 33 -4.52 -7.45 3.59
C TRP A 33 -3.46 -8.37 2.99
N PHE A 34 -3.59 -8.65 1.71
CA PHE A 34 -2.60 -9.44 0.99
C PHE A 34 -1.31 -8.65 0.87
N ASN A 35 -1.40 -7.50 0.24
CA ASN A 35 -0.25 -6.63 0.08
C ASN A 35 0.05 -5.88 1.37
N ASN A 36 -0.81 -6.03 2.38
CA ASN A 36 -0.45 -5.58 3.72
C ASN A 36 0.84 -6.26 4.12
N ASP A 37 0.92 -7.54 3.78
CA ASP A 37 2.08 -8.36 4.06
C ASP A 37 3.32 -7.83 3.34
N VAL A 38 3.16 -7.41 2.08
CA VAL A 38 4.29 -6.84 1.34
C VAL A 38 4.68 -5.47 1.90
N CYS A 39 3.70 -4.77 2.42
CA CYS A 39 3.89 -3.44 2.96
C CYS A 39 4.64 -3.46 4.29
N GLY A 40 4.53 -4.56 5.03
CA GLY A 40 5.29 -4.70 6.26
C GLY A 40 4.65 -3.96 7.42
N SER A 41 5.10 -2.74 7.66
CA SER A 41 4.65 -1.97 8.80
C SER A 41 3.50 -1.04 8.40
N TYR A 42 3.13 -1.09 7.14
CA TYR A 42 1.99 -0.35 6.62
C TYR A 42 0.93 -1.29 6.12
N ARG A 43 -0.19 -0.73 5.72
CA ARG A 43 -1.28 -1.51 5.17
C ARG A 43 -1.50 -1.08 3.72
N CYS A 44 -1.88 -2.01 2.86
CA CYS A 44 -1.99 -1.72 1.45
C CYS A 44 -3.30 -1.00 1.17
N CYS A 45 -3.25 0.31 1.29
CA CYS A 45 -4.39 1.14 0.97
C CYS A 45 -4.50 1.24 -0.53
N ARG A 46 -5.35 0.40 -1.07
CA ARG A 46 -5.50 0.28 -2.49
C ARG A 46 -6.56 1.22 -3.00
N PRO A 47 -6.36 1.74 -4.20
CA PRO A 47 -7.30 2.66 -4.80
C PRO A 47 -8.56 1.92 -5.19
N GLY A 48 -9.68 2.33 -4.62
CA GLY A 48 -10.93 1.61 -4.82
C GLY A 48 -11.31 1.48 -6.28
N ARG A 49 -10.68 2.28 -7.12
CA ARG A 49 -10.95 2.26 -8.56
C ARG A 49 -9.81 1.62 -9.35
N AAR A 50 -8.99 0.81 -8.68
CA AAR A 50 -7.93 0.04 -9.33
CB AAR A 50 -7.31 -0.97 -8.36
CG AAR A 50 -8.33 -1.88 -7.69
CD AAR A 50 -8.06 -3.35 -8.00
NE AAR A 50 -6.83 -3.84 -7.37
CZ AAR A 50 -6.16 -4.91 -7.78
NH1 AAR A 50 -5.07 -5.31 -7.13
NH2 AAR A 50 -6.57 -5.60 -8.84
C AAR A 50 -8.46 -0.67 -10.59
O AAR A 50 -9.28 -1.59 -10.50
NT AAR A 50 -8.00 -0.24 -11.75
H AAR A 50 -9.07 0.75 -7.70
HA AAR A 50 -7.17 0.73 -9.63
HB2 AAR A 50 -6.61 -1.59 -8.90
HB3 AAR A 50 -6.79 -0.43 -7.59
HG2 AAR A 50 -8.28 -1.75 -6.62
HG3 AAR A 50 -9.32 -1.63 -8.04
HD2 AAR A 50 -8.89 -3.95 -7.65
HD3 AAR A 50 -7.97 -3.47 -9.08
HE AAR A 50 -6.50 -3.34 -6.60
HH11 AAR A 50 -4.74 -4.81 -6.34
HH12 AAR A 50 -4.55 -6.12 -7.45
HH21 AAR A 50 -7.38 -5.31 -9.35
HH22 AAR A 50 -6.06 -6.42 -9.15
HNT1 AAR A 50 -7.33 0.49 -11.76
HNT2 AAR A 50 -8.33 -0.66 -12.59
N SER A 1 10.79 -4.66 0.24
CA SER A 1 10.52 -3.64 -0.80
C SER A 1 9.84 -4.27 -2.01
N TYR A 2 8.51 -4.40 -1.95
CA TYR A 2 7.74 -4.88 -3.10
C TYR A 2 8.06 -4.04 -4.33
N GLN A 3 8.27 -2.75 -4.12
CA GLN A 3 8.64 -1.85 -5.19
C GLN A 3 9.22 -0.55 -4.62
N ARG A 4 10.53 -0.58 -4.39
CA ARG A 4 11.31 0.58 -3.94
C ARG A 4 10.94 1.03 -2.52
N ILE A 5 11.87 1.75 -1.91
CA ILE A 5 11.63 2.44 -0.66
C ILE A 5 11.55 3.94 -0.95
N ARG A 6 10.35 4.49 -0.85
CA ARG A 6 10.11 5.85 -1.29
C ARG A 6 10.30 6.83 -0.15
N SER A 7 9.20 7.19 0.51
CA SER A 7 9.24 8.14 1.61
C SER A 7 9.87 7.49 2.84
N ASP A 8 9.24 6.42 3.32
CA ASP A 8 9.78 5.64 4.41
C ASP A 8 10.06 4.23 3.91
N HIS A 9 10.39 3.32 4.80
CA HIS A 9 10.69 1.95 4.40
C HIS A 9 9.44 1.25 3.92
N ASP A 10 8.34 1.52 4.61
CA ASP A 10 7.10 0.80 4.36
C ASP A 10 6.29 1.45 3.27
N SER A 11 6.48 2.76 3.06
CA SER A 11 5.73 3.49 2.06
C SER A 11 6.19 3.14 0.65
N HIS A 12 5.48 2.22 0.01
CA HIS A 12 5.77 1.83 -1.36
C HIS A 12 4.52 1.34 -2.05
N SER A 13 4.65 1.07 -3.35
CA SER A 13 3.55 0.55 -4.14
C SER A 13 3.43 -0.96 -3.96
N CYS A 14 2.22 -1.46 -4.15
CA CYS A 14 1.96 -2.88 -4.12
C CYS A 14 0.87 -3.20 -5.13
N ALA A 15 0.59 -4.49 -5.32
CA ALA A 15 -0.47 -4.96 -6.22
C ALA A 15 -0.31 -4.40 -7.64
N ASN A 16 0.91 -4.02 -8.01
CA ASN A 16 1.20 -3.51 -9.34
C ASN A 16 0.45 -2.22 -9.59
N ASN A 17 0.80 -1.18 -8.82
CA ASN A 17 0.13 0.12 -8.86
C ASN A 17 -1.14 0.09 -8.03
N ARG A 18 -1.85 -1.05 -8.07
CA ARG A 18 -3.18 -1.15 -7.51
C ARG A 18 -3.16 -1.19 -6.00
N GLY A 19 -2.07 -0.76 -5.42
CA GLY A 19 -1.90 -0.75 -3.98
C GLY A 19 -0.82 0.22 -3.55
N TRP A 20 -1.03 0.93 -2.46
CA TRP A 20 0.03 1.76 -1.90
C TRP A 20 0.04 1.61 -0.39
N CYS A 21 1.22 1.40 0.16
CA CYS A 21 1.39 1.20 1.58
C CYS A 21 1.29 2.51 2.33
N ARG A 22 0.22 2.63 3.11
CA ARG A 22 0.00 3.82 3.91
C ARG A 22 -0.36 3.40 5.34
N PRO A 23 -0.11 4.28 6.32
CA PRO A 23 -0.48 4.02 7.70
C PRO A 23 -1.97 4.23 7.95
N THR A 24 -2.62 4.87 7.00
CA THR A 24 -4.05 5.11 7.07
C THR A 24 -4.61 5.33 5.66
N CYS A 25 -5.70 4.65 5.36
CA CYS A 25 -6.29 4.69 4.04
C CYS A 25 -7.27 5.85 3.92
N PHE A 26 -7.29 6.49 2.76
CA PHE A 26 -8.23 7.57 2.49
C PHE A 26 -9.60 6.99 2.17
N SER A 27 -10.59 7.85 2.06
CA SER A 27 -11.95 7.41 1.81
C SER A 27 -12.16 7.09 0.34
N HIS A 28 -11.06 7.02 -0.41
CA HIS A 28 -11.10 6.58 -1.80
C HIS A 28 -10.20 5.37 -1.98
N GLU A 29 -9.81 4.76 -0.86
CA GLU A 29 -8.97 3.58 -0.86
C GLU A 29 -9.56 2.51 0.05
N TYR A 30 -8.91 1.36 0.09
CA TYR A 30 -9.32 0.27 0.97
C TYR A 30 -8.08 -0.53 1.40
N THR A 31 -8.19 -1.22 2.53
CA THR A 31 -7.07 -1.98 3.07
C THR A 31 -6.98 -3.37 2.45
N ASP A 32 -5.97 -3.56 1.61
CA ASP A 32 -5.66 -4.89 1.09
C ASP A 32 -4.73 -5.58 2.06
N TRP A 33 -5.11 -6.76 2.53
CA TRP A 33 -4.36 -7.47 3.55
C TRP A 33 -3.33 -8.39 2.94
N PHE A 34 -3.49 -8.70 1.65
CA PHE A 34 -2.51 -9.48 0.92
C PHE A 34 -1.23 -8.67 0.77
N ASN A 35 -1.39 -7.52 0.15
CA ASN A 35 -0.28 -6.63 -0.06
C ASN A 35 0.05 -5.88 1.23
N ASN A 36 -0.81 -5.99 2.22
CA ASN A 36 -0.51 -5.45 3.54
C ASN A 36 0.73 -6.18 4.08
N ASP A 37 0.83 -7.45 3.73
CA ASP A 37 1.98 -8.26 4.10
C ASP A 37 3.25 -7.72 3.44
N VAL A 38 3.17 -7.38 2.15
CA VAL A 38 4.33 -6.84 1.45
C VAL A 38 4.70 -5.46 1.99
N CYS A 39 3.70 -4.77 2.50
CA CYS A 39 3.85 -3.43 3.05
C CYS A 39 4.58 -3.42 4.38
N GLY A 40 4.61 -4.56 5.07
CA GLY A 40 5.31 -4.62 6.35
C GLY A 40 4.51 -4.01 7.48
N SER A 41 4.89 -2.81 7.88
CA SER A 41 4.23 -2.12 8.97
C SER A 41 3.03 -1.34 8.46
N TYR A 42 3.08 -0.96 7.19
CA TYR A 42 1.98 -0.25 6.56
C TYR A 42 0.96 -1.21 6.01
N ARG A 43 -0.15 -0.67 5.57
CA ARG A 43 -1.23 -1.45 5.00
C ARG A 43 -1.44 -1.02 3.56
N CYS A 44 -1.81 -1.96 2.70
CA CYS A 44 -1.94 -1.64 1.29
C CYS A 44 -3.25 -0.91 1.04
N CYS A 45 -3.18 0.40 1.04
CA CYS A 45 -4.33 1.22 0.73
C CYS A 45 -4.51 1.27 -0.78
N ARG A 46 -5.17 0.24 -1.28
CA ARG A 46 -5.44 0.13 -2.71
C ARG A 46 -6.48 1.15 -3.10
N PRO A 47 -6.24 1.90 -4.18
CA PRO A 47 -7.22 2.81 -4.74
C PRO A 47 -8.55 2.09 -4.96
N GLY A 48 -9.62 2.66 -4.46
CA GLY A 48 -10.93 2.04 -4.58
C GLY A 48 -11.47 2.06 -5.99
N ARG A 49 -10.57 2.13 -6.95
CA ARG A 49 -10.90 2.06 -8.37
C ARG A 49 -9.70 1.55 -9.14
N AAR A 50 -8.86 0.77 -8.46
CA AAR A 50 -7.63 0.23 -9.02
CB AAR A 50 -6.90 -0.63 -7.98
CG AAR A 50 -7.49 -2.02 -7.74
CD AAR A 50 -8.89 -1.99 -7.15
NE AAR A 50 -9.28 -3.30 -6.63
CZ AAR A 50 -10.25 -4.05 -7.14
NH1 AAR A 50 -10.51 -5.23 -6.60
NH2 AAR A 50 -10.96 -3.63 -8.16
C AAR A 50 -7.88 -0.56 -10.31
O AAR A 50 -7.03 -0.58 -11.19
NT AAR A 50 -9.02 -1.22 -10.40
H AAR A 50 -9.07 0.56 -7.53
HA AAR A 50 -7.01 1.07 -9.25
HB2 AAR A 50 -5.88 -0.76 -8.31
HB3 AAR A 50 -6.89 -0.11 -7.03
HG2 AAR A 50 -7.53 -2.55 -8.68
HG3 AAR A 50 -6.84 -2.56 -7.06
HD2 AAR A 50 -8.90 -1.27 -6.34
HD3 AAR A 50 -9.58 -1.69 -7.92
HE AAR A 50 -8.78 -3.63 -5.84
HH11 AAR A 50 -9.98 -5.56 -5.82
HH12 AAR A 50 -11.24 -5.81 -6.97
HH21 AAR A 50 -10.78 -2.74 -8.58
HH22 AAR A 50 -11.70 -4.21 -8.54
HNT1 AAR A 50 -9.68 -1.17 -9.65
HNT2 AAR A 50 -9.21 -1.77 -11.22
#